data_2IY8
#
_entry.id   2IY8
#
_cell.length_a   64.736
_cell.length_b   65.447
_cell.length_c   105.645
_cell.angle_alpha   90.00
_cell.angle_beta   90.00
_cell.angle_gamma   90.00
#
_symmetry.space_group_name_H-M   'P 21 21 21'
#
loop_
_entity.id
_entity.type
_entity.pdbx_description
1 polymer 'PROTEIN PM0188'
2 branched beta-D-galactopyranose-(1-4)-beta-D-glucopyranose
3 non-polymer "CYTIDINE-5'-MONOPHOSPHATE-3-FLUORO-N-ACETYL-NEURAMINIC ACID"
4 water water
#
_entity_poly.entity_id   1
_entity_poly.type   'polypeptide(L)'
_entity_poly.pdbx_seq_one_letter_code
;SKTITLYLDPASLPALNQL(MSE)DFTQNNEDKTHPRIFGLSRFKIPDNIITQYQNIHFVELKDNRPTEALFTILDQYPG
NIELNIHLNIAHSVQLIRPILAYRFKHLDRVSIQQLNLYDDGS(MSE)EYVDLEKEENKDISAEIKQAEKQLSHYLLTGK
IKFDNPTIARYVWQSAFPVKYHFLSTDYFEKAEFLQPLKEYLAENYQK(MSE)DWTAYQQLTPEQQAFYLTLVGFNDEVK
QSLEVQQAKFIFTGTTTWEGNTEVREYYAQQQLNLLNHFTQAEGDLFIGDHYKIYFKGHPRGGEINDYILNNAKNITNIP
ANISFEVL(MSE)(MSE)TGLLPDKVGGVASSLYFSLPKEKISHIIFTSNKQVKSKEDALNNPYVKV(MSE)RRLGIIDE
SQVIFWDSLKELG
;
_entity_poly.pdbx_strand_id   A
#
# COMPACT_ATOMS: atom_id res chain seq x y z
N SER A 1 -29.62 -4.21 -15.12
CA SER A 1 -28.52 -4.18 -14.11
C SER A 1 -27.25 -3.53 -14.66
N LYS A 2 -26.80 -2.49 -13.98
CA LYS A 2 -25.58 -1.78 -14.35
C LYS A 2 -24.57 -2.12 -13.25
N THR A 3 -23.29 -2.18 -13.60
CA THR A 3 -22.25 -2.47 -12.63
C THR A 3 -21.37 -1.25 -12.44
N ILE A 4 -21.32 -0.70 -11.24
CA ILE A 4 -20.42 0.43 -11.01
C ILE A 4 -19.22 -0.13 -10.28
N THR A 5 -18.03 0.31 -10.68
CA THR A 5 -16.82 -0.16 -10.06
C THR A 5 -16.16 0.95 -9.28
N LEU A 6 -15.84 0.66 -8.03
CA LEU A 6 -15.22 1.65 -7.17
C LEU A 6 -13.80 1.29 -6.81
N TYR A 7 -12.91 2.26 -6.97
CA TYR A 7 -11.49 2.10 -6.63
C TYR A 7 -11.19 3.10 -5.53
N LEU A 8 -11.05 2.59 -4.30
CA LEU A 8 -10.79 3.45 -3.16
C LEU A 8 -9.54 3.06 -2.41
N ASP A 9 -8.75 4.06 -2.04
CA ASP A 9 -7.52 3.85 -1.28
C ASP A 9 -6.79 5.11 -0.86
N PRO A 10 -6.50 5.21 0.43
CA PRO A 10 -5.78 6.40 0.89
C PRO A 10 -4.27 6.17 0.86
N ALA A 11 -3.86 4.92 0.74
CA ALA A 11 -2.43 4.60 0.75
C ALA A 11 -1.77 4.42 -0.61
N SER A 12 -0.93 3.40 -0.72
CA SER A 12 -0.21 3.13 -1.96
C SER A 12 -0.53 1.78 -2.57
N LEU A 13 -0.04 0.71 -1.95
CA LEU A 13 -0.25 -0.63 -2.49
C LEU A 13 -1.61 -0.86 -3.10
N PRO A 14 -2.70 -0.69 -2.33
CA PRO A 14 -4.01 -0.92 -2.93
C PRO A 14 -4.12 -0.20 -4.27
N ALA A 15 -3.95 1.12 -4.24
CA ALA A 15 -4.01 1.96 -5.43
C ALA A 15 -3.22 1.36 -6.60
N LEU A 16 -1.98 0.96 -6.34
CA LEU A 16 -1.14 0.37 -7.39
C LEU A 16 -1.85 -0.83 -8.00
N ASN A 17 -2.50 -1.62 -7.17
CA ASN A 17 -3.22 -2.80 -7.65
C ASN A 17 -4.49 -2.44 -8.41
N GLN A 18 -5.28 -1.56 -7.80
CA GLN A 18 -6.53 -1.13 -8.40
C GLN A 18 -6.33 -0.46 -9.76
N LEU A 19 -5.27 0.30 -9.91
CA LEU A 19 -5.02 0.96 -11.19
C LEU A 19 -4.56 -0.09 -12.20
N ASP A 21 -5.66 -3.04 -12.25
CA ASP A 21 -6.92 -3.70 -12.59
C ASP A 21 -7.58 -2.86 -13.66
N PHE A 22 -7.67 -1.58 -13.39
CA PHE A 22 -8.26 -0.62 -14.31
C PHE A 22 -7.57 -0.66 -15.66
N THR A 23 -6.25 -0.75 -15.65
CA THR A 23 -5.51 -0.79 -16.89
C THR A 23 -5.92 -2.00 -17.70
N GLN A 24 -6.02 -3.15 -17.02
CA GLN A 24 -6.36 -4.41 -17.68
C GLN A 24 -7.73 -4.37 -18.32
N ASN A 25 -8.49 -3.32 -18.04
CA ASN A 25 -9.82 -3.17 -18.59
C ASN A 25 -9.99 -1.87 -19.34
N ASN A 26 -8.88 -1.18 -19.61
CA ASN A 26 -8.98 0.12 -20.29
C ASN A 26 -9.57 0.07 -21.70
N GLU A 27 -9.85 -1.13 -22.20
CA GLU A 27 -10.44 -1.28 -23.52
C GLU A 27 -11.91 -0.81 -23.44
N ASP A 28 -12.55 -1.10 -22.32
CA ASP A 28 -13.92 -0.72 -22.06
C ASP A 28 -13.95 0.76 -21.68
N LYS A 29 -14.18 1.62 -22.67
CA LYS A 29 -14.19 3.06 -22.44
C LYS A 29 -15.39 3.64 -21.70
N THR A 30 -16.49 2.88 -21.58
CA THR A 30 -17.67 3.42 -20.89
C THR A 30 -18.20 2.73 -19.64
N HIS A 31 -17.38 1.91 -18.99
CA HIS A 31 -17.84 1.25 -17.76
C HIS A 31 -17.80 2.29 -16.65
N PRO A 32 -18.90 2.40 -15.87
CA PRO A 32 -18.99 3.36 -14.76
C PRO A 32 -17.93 3.12 -13.68
N ARG A 33 -16.92 3.99 -13.62
CA ARG A 33 -15.87 3.86 -12.61
C ARG A 33 -15.76 5.06 -11.67
N ILE A 34 -15.55 4.80 -10.39
CA ILE A 34 -15.39 5.86 -9.40
C ILE A 34 -14.06 5.70 -8.69
N PHE A 35 -13.13 6.60 -9.00
CA PHE A 35 -11.80 6.58 -8.39
C PHE A 35 -11.70 7.43 -7.14
N GLY A 36 -11.32 6.79 -6.04
CA GLY A 36 -11.16 7.47 -4.78
C GLY A 36 -9.73 7.23 -4.33
N LEU A 37 -8.77 7.66 -5.15
CA LEU A 37 -7.36 7.46 -4.87
C LEU A 37 -6.64 8.71 -4.37
N SER A 38 -6.29 8.72 -3.08
CA SER A 38 -5.63 9.88 -2.48
C SER A 38 -4.21 10.18 -2.99
N ARG A 39 -3.40 9.15 -3.19
CA ARG A 39 -2.03 9.36 -3.65
C ARG A 39 -1.83 9.37 -5.17
N PHE A 40 -2.89 9.17 -5.94
CA PHE A 40 -2.76 9.14 -7.39
C PHE A 40 -3.75 10.04 -8.11
N LYS A 41 -3.23 10.77 -9.08
CA LYS A 41 -4.04 11.68 -9.87
C LYS A 41 -4.02 11.16 -11.30
N ILE A 42 -5.19 10.85 -11.84
CA ILE A 42 -5.26 10.37 -13.21
C ILE A 42 -5.11 11.56 -14.14
N PRO A 43 -4.16 11.49 -15.08
CA PRO A 43 -3.94 12.59 -16.02
C PRO A 43 -5.13 12.86 -16.95
N ASP A 44 -5.52 14.14 -17.01
CA ASP A 44 -6.63 14.56 -17.83
C ASP A 44 -6.68 13.82 -19.16
N ASN A 45 -5.59 13.86 -19.92
CA ASN A 45 -5.56 13.20 -21.21
C ASN A 45 -6.12 11.78 -21.16
N ILE A 46 -5.87 11.07 -20.08
CA ILE A 46 -6.38 9.70 -19.96
C ILE A 46 -7.85 9.80 -19.61
N ILE A 47 -8.19 10.80 -18.81
CA ILE A 47 -9.57 11.02 -18.36
C ILE A 47 -10.58 11.28 -19.49
N THR A 48 -10.20 12.17 -20.41
CA THR A 48 -11.08 12.53 -21.51
C THR A 48 -11.39 11.40 -22.49
N GLN A 49 -10.66 10.29 -22.40
CA GLN A 49 -10.88 9.15 -23.30
C GLN A 49 -11.94 8.23 -22.68
N TYR A 50 -12.32 8.52 -21.44
CA TYR A 50 -13.28 7.68 -20.76
C TYR A 50 -14.59 8.39 -20.46
N GLN A 51 -15.64 7.57 -20.35
CA GLN A 51 -16.96 8.05 -20.05
C GLN A 51 -17.48 7.39 -18.77
N ASN A 52 -18.30 8.12 -18.03
CA ASN A 52 -18.86 7.63 -16.78
C ASN A 52 -17.71 7.33 -15.81
N ILE A 53 -16.73 8.23 -15.81
CA ILE A 53 -15.57 8.11 -14.92
C ILE A 53 -15.67 9.25 -13.92
N HIS A 54 -15.77 8.89 -12.64
CA HIS A 54 -15.90 9.88 -11.59
C HIS A 54 -14.80 9.84 -10.56
N PHE A 55 -14.65 10.95 -9.85
CA PHE A 55 -13.65 11.05 -8.80
C PHE A 55 -14.25 11.52 -7.50
N VAL A 56 -13.88 10.85 -6.42
CA VAL A 56 -14.38 11.19 -5.10
C VAL A 56 -13.21 11.36 -4.13
N GLU A 57 -13.35 12.36 -3.27
CA GLU A 57 -12.36 12.72 -2.27
C GLU A 57 -12.47 11.75 -1.11
N LEU A 58 -11.37 11.58 -0.37
CA LEU A 58 -11.37 10.71 0.80
C LEU A 58 -11.07 11.55 2.05
N LYS A 59 -11.87 11.35 3.10
CA LYS A 59 -11.66 12.05 4.36
C LYS A 59 -11.93 11.15 5.56
N ASP A 60 -10.96 11.09 6.44
CA ASP A 60 -11.09 10.26 7.62
C ASP A 60 -11.33 8.81 7.20
N ASN A 61 -10.60 8.41 6.16
CA ASN A 61 -10.68 7.07 5.58
C ASN A 61 -12.05 6.76 5.02
N ARG A 62 -12.70 7.75 4.43
CA ARG A 62 -14.01 7.47 3.86
C ARG A 62 -14.38 8.44 2.77
N PRO A 63 -15.09 7.94 1.74
CA PRO A 63 -15.53 8.77 0.61
C PRO A 63 -16.51 9.80 1.17
N THR A 64 -16.35 11.06 0.76
CA THR A 64 -17.26 12.11 1.22
C THR A 64 -18.60 11.86 0.55
N GLU A 65 -19.62 12.61 0.96
CA GLU A 65 -20.95 12.45 0.40
C GLU A 65 -21.00 12.80 -1.08
N ALA A 66 -19.91 13.34 -1.60
CA ALA A 66 -19.89 13.65 -3.03
C ALA A 66 -20.18 12.36 -3.78
N LEU A 67 -19.92 11.24 -3.11
CA LEU A 67 -20.14 9.91 -3.64
C LEU A 67 -21.60 9.66 -3.92
N PHE A 68 -22.45 10.29 -3.13
CA PHE A 68 -23.88 10.10 -3.30
C PHE A 68 -24.38 10.75 -4.58
N THR A 69 -23.98 11.98 -4.82
CA THR A 69 -24.42 12.66 -6.03
C THR A 69 -24.06 11.78 -7.24
N ILE A 70 -22.89 11.15 -7.18
CA ILE A 70 -22.42 10.29 -8.28
C ILE A 70 -23.43 9.17 -8.50
N LEU A 71 -23.64 8.37 -7.48
CA LEU A 71 -24.57 7.27 -7.57
C LEU A 71 -25.94 7.71 -8.07
N ASP A 72 -26.42 8.86 -7.58
CA ASP A 72 -27.72 9.38 -7.96
C ASP A 72 -27.90 9.43 -9.47
N GLN A 73 -26.79 9.62 -10.18
CA GLN A 73 -26.84 9.70 -11.62
C GLN A 73 -27.16 8.40 -12.35
N TYR A 74 -27.23 7.29 -11.62
CA TYR A 74 -27.52 5.99 -12.23
C TYR A 74 -28.78 5.42 -11.58
N PRO A 75 -29.95 5.67 -12.20
CA PRO A 75 -31.29 5.27 -11.79
C PRO A 75 -31.70 3.80 -11.87
N GLY A 76 -31.02 3.03 -12.70
CA GLY A 76 -31.39 1.63 -12.83
C GLY A 76 -30.94 0.80 -11.65
N ASN A 77 -31.14 -0.51 -11.73
CA ASN A 77 -30.70 -1.41 -10.67
C ASN A 77 -29.20 -1.52 -10.85
N ILE A 78 -28.46 -1.12 -9.82
CA ILE A 78 -27.00 -1.17 -9.91
C ILE A 78 -26.35 -2.13 -8.93
N GLU A 79 -25.23 -2.69 -9.34
CA GLU A 79 -24.44 -3.60 -8.51
C GLU A 79 -23.04 -3.00 -8.32
N LEU A 80 -22.52 -3.08 -7.10
CA LEU A 80 -21.21 -2.50 -6.84
C LEU A 80 -20.05 -3.48 -6.71
N ASN A 81 -19.00 -3.20 -7.48
CA ASN A 81 -17.78 -3.98 -7.47
C ASN A 81 -16.83 -3.04 -6.74
N ILE A 82 -16.65 -3.28 -5.45
CA ILE A 82 -15.79 -2.42 -4.63
C ILE A 82 -14.38 -2.92 -4.36
N HIS A 83 -13.40 -2.06 -4.64
CA HIS A 83 -12.00 -2.34 -4.39
C HIS A 83 -11.69 -1.51 -3.15
N LEU A 84 -11.15 -2.15 -2.11
CA LEU A 84 -10.84 -1.47 -0.87
C LEU A 84 -9.48 -1.80 -0.27
N ASN A 85 -9.06 -0.92 0.64
CA ASN A 85 -7.81 -1.03 1.37
C ASN A 85 -8.19 -1.84 2.62
N ILE A 86 -7.57 -3.00 2.81
CA ILE A 86 -7.92 -3.84 3.95
C ILE A 86 -7.95 -3.13 5.30
N ALA A 87 -6.83 -2.55 5.70
CA ALA A 87 -6.74 -1.86 6.97
C ALA A 87 -7.91 -0.91 7.25
N HIS A 88 -8.37 -0.18 6.25
CA HIS A 88 -9.45 0.75 6.48
C HIS A 88 -10.70 0.37 5.74
N SER A 89 -10.89 -0.92 5.53
CA SER A 89 -12.03 -1.43 4.80
C SER A 89 -13.36 -1.10 5.45
N VAL A 90 -13.40 -1.15 6.77
CA VAL A 90 -14.64 -0.88 7.51
C VAL A 90 -15.11 0.54 7.33
N GLN A 91 -14.20 1.51 7.41
CA GLN A 91 -14.57 2.90 7.22
C GLN A 91 -14.84 3.21 5.73
N LEU A 92 -13.98 2.70 4.86
CA LEU A 92 -14.09 2.96 3.42
C LEU A 92 -15.41 2.52 2.80
N ILE A 93 -16.05 1.53 3.41
CA ILE A 93 -17.31 1.04 2.88
C ILE A 93 -18.51 1.68 3.55
N ARG A 94 -18.27 2.36 4.68
CA ARG A 94 -19.34 2.99 5.43
C ARG A 94 -20.36 3.77 4.63
N PRO A 95 -19.92 4.77 3.87
CA PRO A 95 -20.89 5.55 3.09
C PRO A 95 -21.49 4.77 1.91
N ILE A 96 -20.87 3.66 1.54
CA ILE A 96 -21.38 2.83 0.45
C ILE A 96 -22.61 2.13 0.99
N LEU A 97 -22.46 1.57 2.18
CA LEU A 97 -23.56 0.88 2.83
C LEU A 97 -24.62 1.89 3.25
N ALA A 98 -24.20 3.07 3.70
CA ALA A 98 -25.15 4.10 4.13
C ALA A 98 -26.09 4.40 2.97
N TYR A 99 -25.50 4.64 1.81
CA TYR A 99 -26.25 4.96 0.61
C TYR A 99 -27.07 3.75 0.21
N ARG A 100 -26.50 2.57 0.44
CA ARG A 100 -27.20 1.35 0.09
C ARG A 100 -28.51 1.26 0.86
N PHE A 101 -28.44 1.50 2.16
CA PHE A 101 -29.66 1.44 2.95
C PHE A 101 -30.69 2.48 2.47
N LYS A 102 -30.23 3.57 1.86
CA LYS A 102 -31.16 4.57 1.38
C LYS A 102 -31.78 4.08 0.07
N HIS A 103 -31.30 2.94 -0.42
CA HIS A 103 -31.79 2.38 -1.65
C HIS A 103 -31.71 0.86 -1.73
N LEU A 104 -32.22 0.15 -0.74
CA LEU A 104 -32.17 -1.32 -0.77
C LEU A 104 -32.84 -1.86 -2.03
N ASP A 105 -33.89 -1.18 -2.45
CA ASP A 105 -34.65 -1.57 -3.63
C ASP A 105 -33.83 -1.63 -4.92
N ARG A 106 -32.85 -0.73 -5.04
CA ARG A 106 -32.04 -0.62 -6.24
C ARG A 106 -30.56 -1.02 -6.13
N VAL A 107 -29.86 -0.48 -5.13
CA VAL A 107 -28.42 -0.74 -4.95
C VAL A 107 -28.07 -2.00 -4.17
N SER A 108 -27.11 -2.74 -4.70
CA SER A 108 -26.63 -3.97 -4.06
C SER A 108 -25.13 -4.12 -4.28
N ILE A 109 -24.48 -4.82 -3.36
CA ILE A 109 -23.04 -5.04 -3.46
C ILE A 109 -22.79 -6.32 -4.23
N GLN A 110 -22.01 -6.20 -5.30
CA GLN A 110 -21.70 -7.34 -6.15
C GLN A 110 -20.57 -8.19 -5.58
N GLN A 111 -19.51 -7.51 -5.15
CA GLN A 111 -18.36 -8.19 -4.57
C GLN A 111 -17.33 -7.17 -4.11
N LEU A 112 -16.39 -7.64 -3.30
CA LEU A 112 -15.33 -6.81 -2.78
C LEU A 112 -13.97 -7.37 -3.19
N ASN A 113 -13.02 -6.47 -3.37
CA ASN A 113 -11.65 -6.83 -3.69
C ASN A 113 -10.85 -6.00 -2.71
N LEU A 114 -10.15 -6.67 -1.79
CA LEU A 114 -9.39 -5.96 -0.79
C LEU A 114 -7.92 -6.16 -0.92
N TYR A 115 -7.18 -5.07 -0.70
CA TYR A 115 -5.72 -5.08 -0.83
C TYR A 115 -5.04 -4.54 0.41
N ASP A 116 -3.89 -5.12 0.74
CA ASP A 116 -3.13 -4.70 1.91
C ASP A 116 -2.69 -3.26 1.86
N ASP A 117 -2.96 -2.54 2.94
CA ASP A 117 -2.55 -1.16 3.07
C ASP A 117 -1.03 -1.12 3.00
N GLY A 118 -0.40 -2.15 3.54
CA GLY A 118 1.05 -2.21 3.54
C GLY A 118 1.46 -3.11 4.68
N SER A 119 2.44 -2.67 5.45
CA SER A 119 2.92 -3.47 6.58
C SER A 119 1.98 -3.52 7.79
N GLU A 121 -1.26 -4.30 8.37
CA GLU A 121 -2.08 -5.48 8.60
C GLU A 121 -1.24 -6.55 9.31
N TYR A 122 0.00 -6.68 8.86
CA TYR A 122 0.91 -7.66 9.43
C TYR A 122 1.40 -7.33 10.84
N VAL A 123 1.71 -6.05 11.08
CA VAL A 123 2.16 -5.64 12.41
C VAL A 123 0.96 -5.80 13.34
N ASP A 124 -0.21 -5.36 12.88
CA ASP A 124 -1.41 -5.48 13.68
C ASP A 124 -1.74 -6.96 13.94
N LEU A 125 -1.67 -7.78 12.90
CA LEU A 125 -1.93 -9.23 13.07
C LEU A 125 -0.93 -9.88 14.01
N GLU A 126 0.30 -9.38 14.05
CA GLU A 126 1.31 -9.95 14.96
C GLU A 126 0.91 -9.75 16.42
N LYS A 127 0.16 -8.67 16.70
CA LYS A 127 -0.31 -8.34 18.05
C LYS A 127 -1.47 -9.21 18.54
N GLU A 128 -1.95 -10.11 17.69
CA GLU A 128 -3.06 -10.99 18.06
C GLU A 128 -2.57 -12.41 18.33
N GLU A 129 -1.26 -12.57 18.48
CA GLU A 129 -0.65 -13.88 18.71
C GLU A 129 -1.12 -14.74 19.90
N ASN A 130 -1.45 -14.12 21.02
CA ASN A 130 -1.88 -14.89 22.18
C ASN A 130 -3.39 -15.06 22.29
N LYS A 131 -4.12 -14.52 21.32
CA LYS A 131 -5.56 -14.61 21.36
C LYS A 131 -6.14 -15.84 20.70
N ASP A 132 -7.37 -16.16 21.06
CA ASP A 132 -8.10 -17.30 20.51
C ASP A 132 -8.62 -16.82 19.15
N ILE A 133 -7.83 -17.06 18.11
CA ILE A 133 -8.18 -16.62 16.78
C ILE A 133 -9.59 -17.05 16.39
N SER A 134 -9.84 -18.35 16.50
CA SER A 134 -11.15 -18.90 16.16
C SER A 134 -12.28 -18.09 16.79
N ALA A 135 -12.20 -17.91 18.09
CA ALA A 135 -13.22 -17.13 18.80
C ALA A 135 -13.30 -15.73 18.20
N GLU A 136 -12.14 -15.08 18.11
CA GLU A 136 -12.04 -13.73 17.55
C GLU A 136 -12.83 -13.57 16.24
N ILE A 137 -12.78 -14.60 15.40
CA ILE A 137 -13.47 -14.59 14.13
C ILE A 137 -14.98 -14.50 14.32
N LYS A 138 -15.56 -15.53 14.92
CA LYS A 138 -16.99 -15.59 15.15
C LYS A 138 -17.48 -14.28 15.75
N GLN A 139 -16.72 -13.76 16.71
CA GLN A 139 -17.06 -12.50 17.37
C GLN A 139 -17.17 -11.40 16.33
N ALA A 140 -16.18 -11.36 15.44
CA ALA A 140 -16.15 -10.34 14.40
C ALA A 140 -17.30 -10.51 13.42
N GLU A 141 -17.59 -11.74 13.01
CA GLU A 141 -18.69 -11.98 12.08
C GLU A 141 -19.94 -11.34 12.62
N LYS A 142 -20.31 -11.72 13.83
CA LYS A 142 -21.49 -11.20 14.48
C LYS A 142 -21.54 -9.67 14.50
N GLN A 143 -20.41 -9.03 14.76
CA GLN A 143 -20.37 -7.58 14.84
C GLN A 143 -20.47 -6.94 13.47
N LEU A 144 -20.09 -7.69 12.44
CA LEU A 144 -20.20 -7.13 11.10
C LEU A 144 -21.67 -7.24 10.73
N SER A 145 -22.30 -8.30 11.22
CA SER A 145 -23.71 -8.46 10.96
C SER A 145 -24.40 -7.26 11.58
N HIS A 146 -23.98 -6.90 12.78
CA HIS A 146 -24.54 -5.76 13.49
C HIS A 146 -24.34 -4.50 12.68
N TYR A 147 -23.14 -4.33 12.14
CA TYR A 147 -22.79 -3.16 11.35
C TYR A 147 -23.64 -3.09 10.09
N LEU A 148 -23.75 -4.22 9.40
CA LEU A 148 -24.51 -4.27 8.17
C LEU A 148 -26.00 -4.01 8.39
N LEU A 149 -26.51 -4.38 9.57
CA LEU A 149 -27.93 -4.22 9.91
C LEU A 149 -28.31 -2.93 10.65
N THR A 150 -27.33 -2.13 11.07
CA THR A 150 -27.65 -0.92 11.81
C THR A 150 -26.87 0.28 11.31
N GLY A 151 -25.82 0.01 10.52
CA GLY A 151 -25.00 1.08 10.02
C GLY A 151 -24.05 1.51 11.12
N LYS A 152 -24.11 0.80 12.25
CA LYS A 152 -23.25 1.13 13.39
C LYS A 152 -22.01 0.26 13.48
N ILE A 153 -20.88 0.93 13.75
CA ILE A 153 -19.58 0.27 13.86
C ILE A 153 -19.14 0.10 15.31
N LYS A 154 -18.88 -1.16 15.67
CA LYS A 154 -18.45 -1.49 17.02
C LYS A 154 -17.78 -2.85 16.98
N PHE A 155 -16.44 -2.86 16.87
CA PHE A 155 -15.70 -4.11 16.84
C PHE A 155 -14.78 -4.35 18.03
N ASP A 156 -14.92 -5.51 18.63
CA ASP A 156 -14.10 -5.85 19.79
C ASP A 156 -12.66 -6.01 19.30
N ASN A 157 -12.52 -6.61 18.12
CA ASN A 157 -11.19 -6.82 17.56
C ASN A 157 -11.07 -6.25 16.14
N PRO A 158 -10.76 -4.95 16.02
CA PRO A 158 -10.62 -4.25 14.74
C PRO A 158 -9.74 -4.97 13.72
N THR A 159 -8.66 -5.57 14.18
CA THR A 159 -7.74 -6.29 13.29
C THR A 159 -8.43 -7.47 12.60
N ILE A 160 -9.06 -8.32 13.39
CA ILE A 160 -9.74 -9.48 12.85
C ILE A 160 -10.96 -9.09 12.02
N ALA A 161 -11.61 -8.00 12.42
CA ALA A 161 -12.79 -7.52 11.72
C ALA A 161 -12.48 -7.33 10.24
N ARG A 162 -11.21 -7.10 9.93
CA ARG A 162 -10.78 -6.87 8.57
C ARG A 162 -10.86 -8.09 7.68
N TYR A 163 -10.85 -9.28 8.28
CA TYR A 163 -10.86 -10.51 7.49
C TYR A 163 -12.13 -11.35 7.49
N VAL A 164 -13.25 -10.77 7.89
CA VAL A 164 -14.51 -11.52 7.95
C VAL A 164 -15.54 -11.08 6.90
N TRP A 165 -15.10 -10.37 5.87
CA TRP A 165 -16.04 -9.90 4.86
C TRP A 165 -16.76 -11.03 4.10
N GLN A 166 -16.14 -12.20 4.00
CA GLN A 166 -16.76 -13.31 3.28
C GLN A 166 -18.10 -13.70 3.90
N SER A 167 -18.24 -13.45 5.19
CA SER A 167 -19.48 -13.77 5.88
C SER A 167 -20.66 -12.97 5.31
N ALA A 168 -20.36 -11.91 4.55
CA ALA A 168 -21.43 -11.07 4.02
C ALA A 168 -21.46 -10.89 2.52
N PHE A 169 -20.29 -10.85 1.88
CA PHE A 169 -20.23 -10.65 0.44
C PHE A 169 -19.21 -11.60 -0.20
N PRO A 170 -19.22 -11.69 -1.54
CA PRO A 170 -18.27 -12.57 -2.22
C PRO A 170 -17.02 -11.70 -2.26
N VAL A 171 -15.90 -12.18 -1.74
CA VAL A 171 -14.72 -11.35 -1.73
C VAL A 171 -13.41 -12.07 -1.96
N LYS A 172 -12.44 -11.33 -2.47
CA LYS A 172 -11.10 -11.89 -2.66
C LYS A 172 -10.05 -10.89 -2.21
N TYR A 173 -9.21 -11.35 -1.30
CA TYR A 173 -8.14 -10.54 -0.75
C TYR A 173 -6.88 -10.72 -1.58
N HIS A 174 -6.04 -9.69 -1.57
CA HIS A 174 -4.77 -9.73 -2.28
C HIS A 174 -3.74 -9.37 -1.23
N PHE A 175 -2.96 -10.37 -0.81
CA PHE A 175 -1.96 -10.17 0.23
C PHE A 175 -0.55 -9.83 -0.20
N LEU A 176 0.05 -8.87 0.52
CA LEU A 176 1.42 -8.43 0.26
C LEU A 176 2.29 -9.62 0.58
N SER A 177 1.81 -10.45 1.50
CA SER A 177 2.54 -11.63 1.91
C SER A 177 1.62 -12.79 2.25
N THR A 178 1.57 -13.79 1.38
CA THR A 178 0.75 -14.96 1.63
C THR A 178 1.58 -15.84 2.58
N ASP A 179 2.89 -15.70 2.48
CA ASP A 179 3.79 -16.50 3.33
C ASP A 179 3.51 -16.30 4.82
N TYR A 180 3.15 -15.06 5.20
CA TYR A 180 2.85 -14.72 6.58
C TYR A 180 1.67 -15.51 7.13
N PHE A 181 0.64 -15.66 6.30
CA PHE A 181 -0.57 -16.40 6.69
C PHE A 181 -0.33 -17.90 6.69
N GLU A 182 0.76 -18.35 6.09
CA GLU A 182 1.06 -19.78 6.05
C GLU A 182 2.18 -20.16 7.00
N LYS A 183 2.92 -19.16 7.48
CA LYS A 183 4.04 -19.44 8.38
C LYS A 183 3.83 -19.06 9.83
N ALA A 184 2.79 -18.29 10.11
CA ALA A 184 2.50 -17.89 11.47
C ALA A 184 1.54 -18.91 12.09
N GLU A 185 2.10 -19.94 12.70
CA GLU A 185 1.32 -21.01 13.31
C GLU A 185 0.06 -20.51 14.02
N PHE A 186 0.19 -19.46 14.82
CA PHE A 186 -0.96 -18.96 15.55
C PHE A 186 -2.10 -18.42 14.69
N LEU A 187 -1.90 -18.38 13.37
CA LEU A 187 -2.92 -17.87 12.48
C LEU A 187 -3.68 -18.91 11.71
N GLN A 188 -3.32 -20.17 11.87
CA GLN A 188 -3.99 -21.26 11.16
C GLN A 188 -5.51 -21.13 11.04
N PRO A 189 -6.19 -20.83 12.16
CA PRO A 189 -7.64 -20.70 12.09
C PRO A 189 -8.09 -19.62 11.09
N LEU A 190 -7.35 -18.52 11.00
CA LEU A 190 -7.72 -17.46 10.05
C LEU A 190 -7.35 -17.92 8.64
N LYS A 191 -6.26 -18.66 8.53
CA LYS A 191 -5.81 -19.18 7.25
C LYS A 191 -6.94 -20.05 6.71
N GLU A 192 -7.26 -21.10 7.45
CA GLU A 192 -8.29 -22.03 7.04
C GLU A 192 -9.62 -21.32 6.79
N TYR A 193 -9.97 -20.42 7.70
CA TYR A 193 -11.21 -19.68 7.58
C TYR A 193 -11.28 -18.97 6.23
N LEU A 194 -10.21 -18.27 5.89
CA LEU A 194 -10.14 -17.54 4.63
C LEU A 194 -10.16 -18.50 3.44
N ALA A 195 -9.88 -19.78 3.71
CA ALA A 195 -9.89 -20.82 2.69
C ALA A 195 -9.34 -20.46 1.31
N GLU A 196 -10.24 -20.26 0.36
CA GLU A 196 -9.86 -19.95 -1.01
C GLU A 196 -10.16 -18.51 -1.43
N ASN A 197 -10.52 -17.66 -0.48
CA ASN A 197 -10.85 -16.27 -0.79
C ASN A 197 -9.65 -15.32 -0.86
N TYR A 198 -8.44 -15.84 -1.03
CA TYR A 198 -7.31 -14.93 -1.09
C TYR A 198 -6.21 -15.34 -2.05
N GLN A 199 -5.30 -14.42 -2.33
CA GLN A 199 -4.17 -14.67 -3.21
C GLN A 199 -3.10 -13.60 -3.01
N LYS A 200 -1.90 -13.91 -3.49
CA LYS A 200 -0.77 -12.99 -3.39
C LYS A 200 -0.89 -11.89 -4.44
N ASP A 202 -0.03 -9.99 -7.46
CA ASP A 202 0.75 -10.43 -8.61
C ASP A 202 1.61 -9.29 -9.17
N TRP A 203 2.88 -9.27 -8.76
CA TRP A 203 3.81 -8.24 -9.21
C TRP A 203 4.34 -8.43 -10.63
N THR A 204 4.03 -9.56 -11.25
CA THR A 204 4.49 -9.80 -12.61
C THR A 204 3.36 -9.51 -13.60
N ALA A 205 2.27 -8.92 -13.09
CA ALA A 205 1.08 -8.59 -13.89
C ALA A 205 1.32 -7.52 -14.93
N TYR A 206 2.33 -6.68 -14.70
CA TYR A 206 2.66 -5.60 -15.62
C TYR A 206 3.35 -6.18 -16.85
N GLN A 207 4.06 -7.29 -16.64
CA GLN A 207 4.77 -7.93 -17.74
C GLN A 207 3.78 -8.53 -18.72
N GLN A 208 2.57 -8.78 -18.24
CA GLN A 208 1.53 -9.37 -19.06
C GLN A 208 0.67 -8.39 -19.84
N LEU A 209 0.79 -7.11 -19.54
CA LEU A 209 0.03 -6.10 -20.26
C LEU A 209 0.68 -5.96 -21.63
N THR A 210 -0.05 -5.42 -22.59
CA THR A 210 0.52 -5.20 -23.92
C THR A 210 1.34 -3.93 -23.69
N PRO A 211 2.43 -3.74 -24.44
CA PRO A 211 3.28 -2.56 -24.30
C PRO A 211 2.52 -1.25 -24.17
N GLU A 212 1.45 -1.11 -24.94
CA GLU A 212 0.65 0.11 -24.92
C GLU A 212 0.03 0.32 -23.54
N GLN A 213 -0.51 -0.76 -22.99
CA GLN A 213 -1.12 -0.67 -21.68
C GLN A 213 -0.04 -0.37 -20.66
N GLN A 214 1.14 -0.96 -20.86
CA GLN A 214 2.27 -0.74 -19.96
C GLN A 214 2.59 0.75 -19.87
N ALA A 215 2.64 1.40 -21.03
CA ALA A 215 2.92 2.82 -21.10
C ALA A 215 1.82 3.54 -20.33
N PHE A 216 0.59 3.11 -20.62
CA PHE A 216 -0.61 3.67 -19.99
C PHE A 216 -0.48 3.60 -18.46
N TYR A 217 -0.23 2.40 -17.95
CA TYR A 217 -0.08 2.22 -16.50
C TYR A 217 0.98 3.16 -15.95
N LEU A 218 2.15 3.13 -16.60
CA LEU A 218 3.27 3.97 -16.20
C LEU A 218 2.80 5.42 -16.12
N THR A 219 1.84 5.76 -16.95
CA THR A 219 1.33 7.13 -16.95
C THR A 219 0.58 7.39 -15.65
N LEU A 220 -0.18 6.40 -15.21
CA LEU A 220 -0.95 6.50 -13.99
C LEU A 220 -0.07 6.61 -12.75
N VAL A 221 0.97 5.78 -12.68
CA VAL A 221 1.86 5.79 -11.53
C VAL A 221 2.94 6.87 -11.63
N GLY A 222 2.75 7.79 -12.56
CA GLY A 222 3.68 8.91 -12.72
C GLY A 222 5.12 8.60 -13.10
N PHE A 223 5.35 7.51 -13.82
CA PHE A 223 6.70 7.11 -14.22
C PHE A 223 7.05 7.69 -15.61
N ASN A 224 8.00 8.64 -15.66
CA ASN A 224 8.39 9.25 -16.93
C ASN A 224 9.77 8.81 -17.41
N ASP A 225 10.05 9.03 -18.68
CA ASP A 225 11.32 8.63 -19.27
C ASP A 225 12.51 9.30 -18.66
N GLU A 226 12.33 10.53 -18.18
CA GLU A 226 13.44 11.25 -17.55
C GLU A 226 13.96 10.37 -16.42
N VAL A 227 13.06 9.98 -15.53
CA VAL A 227 13.40 9.12 -14.40
C VAL A 227 13.90 7.80 -14.95
N LYS A 228 13.20 7.27 -15.94
CA LYS A 228 13.55 6.02 -16.60
C LYS A 228 15.03 6.07 -17.00
N GLN A 229 15.45 7.24 -17.48
CA GLN A 229 16.82 7.46 -17.92
C GLN A 229 17.85 7.55 -16.79
N SER A 230 17.50 8.24 -15.70
CA SER A 230 18.43 8.38 -14.57
C SER A 230 18.74 7.00 -14.03
N LEU A 231 17.98 6.01 -14.50
CA LEU A 231 18.16 4.63 -14.08
C LEU A 231 18.75 3.78 -15.19
N GLU A 232 19.09 4.41 -16.31
CA GLU A 232 19.66 3.70 -17.46
C GLU A 232 21.16 3.50 -17.36
N VAL A 233 21.86 4.43 -16.70
CA VAL A 233 23.30 4.36 -16.54
C VAL A 233 23.74 2.93 -16.21
N GLN A 234 24.81 2.47 -16.84
CA GLN A 234 25.29 1.10 -16.62
C GLN A 234 26.05 0.91 -15.32
N GLN A 235 26.29 2.00 -14.59
CA GLN A 235 27.02 1.94 -13.32
C GLN A 235 26.18 1.22 -12.26
N ALA A 236 26.85 0.56 -11.32
CA ALA A 236 26.14 -0.13 -10.25
C ALA A 236 25.42 0.96 -9.44
N LYS A 237 24.15 0.72 -9.09
CA LYS A 237 23.35 1.70 -8.36
C LYS A 237 22.83 1.23 -7.01
N PHE A 238 22.68 2.18 -6.08
CA PHE A 238 22.19 1.93 -4.73
C PHE A 238 21.06 2.92 -4.44
N ILE A 239 19.95 2.39 -3.95
CA ILE A 239 18.80 3.23 -3.66
C ILE A 239 18.57 3.31 -2.19
N PHE A 240 18.80 4.49 -1.62
CA PHE A 240 18.53 4.66 -0.21
C PHE A 240 17.02 4.85 -0.19
N THR A 241 16.31 4.18 0.71
CA THR A 241 14.86 4.35 0.78
C THR A 241 14.48 5.12 2.02
N GLY A 242 13.59 6.08 1.89
CA GLY A 242 13.22 6.87 3.05
C GLY A 242 12.00 6.37 3.81
N THR A 243 11.69 7.04 4.91
CA THR A 243 10.52 6.70 5.69
C THR A 243 9.94 8.02 6.14
N THR A 244 9.00 7.99 7.07
CA THR A 244 8.39 9.22 7.59
C THR A 244 7.64 8.93 8.87
N THR A 245 7.04 9.97 9.44
CA THR A 245 6.28 9.83 10.69
C THR A 245 4.93 10.50 10.49
N TRP A 246 3.93 10.10 11.26
CA TRP A 246 2.61 10.68 11.12
C TRP A 246 2.39 11.76 12.16
N GLU A 247 3.36 11.90 13.05
CA GLU A 247 3.28 12.89 14.11
C GLU A 247 3.53 14.30 13.64
N GLY A 248 2.70 15.22 14.12
CA GLY A 248 2.84 16.60 13.73
C GLY A 248 4.02 17.27 14.39
N ASN A 249 4.23 16.97 15.68
CA ASN A 249 5.31 17.57 16.46
C ASN A 249 6.63 17.82 15.70
N THR A 250 6.92 19.09 15.47
CA THR A 250 8.12 19.48 14.74
C THR A 250 9.34 18.77 15.29
N GLU A 251 9.34 18.53 16.60
CA GLU A 251 10.46 17.86 17.24
C GLU A 251 10.69 16.46 16.70
N VAL A 252 9.65 15.63 16.74
CA VAL A 252 9.79 14.26 16.27
C VAL A 252 10.10 14.21 14.76
N ARG A 253 9.56 15.16 14.01
CA ARG A 253 9.79 15.18 12.57
C ARG A 253 11.24 15.54 12.22
N GLU A 254 11.79 16.55 12.90
CA GLU A 254 13.17 16.96 12.63
C GLU A 254 14.13 15.85 13.03
N TYR A 255 13.81 15.15 14.11
CA TYR A 255 14.63 14.06 14.61
C TYR A 255 14.67 12.92 13.58
N TYR A 256 13.52 12.64 12.99
CA TYR A 256 13.40 11.60 11.98
C TYR A 256 14.31 11.88 10.79
N ALA A 257 14.19 13.09 10.26
CA ALA A 257 14.99 13.50 9.11
C ALA A 257 16.46 13.51 9.47
N GLN A 258 16.77 13.79 10.74
CA GLN A 258 18.16 13.82 11.16
C GLN A 258 18.70 12.43 11.33
N GLN A 259 17.86 11.53 11.80
CA GLN A 259 18.31 10.16 11.98
C GLN A 259 18.52 9.54 10.62
N GLN A 260 17.58 9.80 9.71
CA GLN A 260 17.62 9.26 8.36
C GLN A 260 18.86 9.75 7.60
N LEU A 261 19.13 11.04 7.68
CA LEU A 261 20.27 11.57 6.99
C LEU A 261 21.51 10.83 7.47
N ASN A 262 21.63 10.73 8.79
CA ASN A 262 22.77 10.08 9.38
C ASN A 262 22.82 8.61 8.91
N LEU A 263 21.68 7.95 8.86
CA LEU A 263 21.67 6.56 8.40
C LEU A 263 22.18 6.50 6.96
N LEU A 264 21.80 7.49 6.17
CA LEU A 264 22.22 7.56 4.79
C LEU A 264 23.73 7.57 4.72
N ASN A 265 24.36 8.30 5.64
CA ASN A 265 25.81 8.33 5.64
C ASN A 265 26.48 7.02 6.07
N HIS A 266 25.87 6.29 7.00
CA HIS A 266 26.46 5.03 7.42
C HIS A 266 26.57 4.04 6.28
N PHE A 267 25.82 4.32 5.21
CA PHE A 267 25.81 3.49 4.01
C PHE A 267 26.87 3.98 3.02
N THR A 268 26.87 5.30 2.78
CA THR A 268 27.76 5.94 1.82
C THR A 268 29.15 6.36 2.29
N GLN A 269 29.28 6.65 3.58
CA GLN A 269 30.57 7.05 4.14
C GLN A 269 31.45 5.83 4.37
N ALA A 270 32.75 5.99 4.09
CA ALA A 270 33.73 4.91 4.24
C ALA A 270 33.89 4.43 5.68
N GLU A 271 33.61 5.29 6.65
CA GLU A 271 33.74 4.90 8.05
C GLU A 271 32.37 4.57 8.63
N GLY A 272 31.38 4.51 7.76
CA GLY A 272 30.03 4.20 8.20
C GLY A 272 29.90 2.74 8.56
N ASP A 273 29.01 2.44 9.50
CA ASP A 273 28.80 1.06 9.95
C ASP A 273 28.18 0.19 8.88
N LEU A 274 27.56 0.83 7.89
CA LEU A 274 26.89 0.13 6.80
C LEU A 274 27.51 0.42 5.43
N PHE A 275 28.74 0.91 5.42
CA PHE A 275 29.43 1.23 4.18
C PHE A 275 29.40 0.10 3.13
N ILE A 276 28.89 0.42 1.95
CA ILE A 276 28.77 -0.57 0.88
C ILE A 276 29.85 -0.47 -0.21
N GLY A 277 30.88 0.34 0.02
CA GLY A 277 31.92 0.48 -0.97
C GLY A 277 31.73 1.78 -1.73
N ASP A 278 32.71 2.19 -2.53
CA ASP A 278 32.61 3.45 -3.26
C ASP A 278 32.72 3.33 -4.78
N HIS A 279 31.71 2.72 -5.38
CA HIS A 279 31.67 2.57 -6.83
C HIS A 279 30.21 2.60 -7.26
N TYR A 280 29.33 2.75 -6.27
CA TYR A 280 27.88 2.79 -6.48
C TYR A 280 27.37 4.19 -6.77
N LYS A 281 26.36 4.30 -7.64
CA LYS A 281 25.76 5.59 -7.93
C LYS A 281 24.58 5.64 -6.97
N ILE A 282 24.59 6.64 -6.07
CA ILE A 282 23.52 6.75 -5.08
C ILE A 282 22.29 7.53 -5.56
N TYR A 283 21.13 7.03 -5.14
CA TYR A 283 19.83 7.62 -5.49
C TYR A 283 18.98 7.73 -4.22
N PHE A 284 17.95 8.58 -4.23
CA PHE A 284 17.10 8.72 -3.06
C PHE A 284 15.68 8.42 -3.43
N LYS A 285 15.06 7.51 -2.69
CA LYS A 285 13.67 7.19 -2.93
C LYS A 285 12.90 7.50 -1.67
N GLY A 286 12.59 8.77 -1.49
CA GLY A 286 11.87 9.20 -0.29
C GLY A 286 10.45 8.66 -0.22
N HIS A 287 9.91 8.59 0.99
CA HIS A 287 8.56 8.13 1.24
C HIS A 287 7.63 9.14 0.60
N PRO A 288 6.52 8.68 0.00
CA PRO A 288 5.53 9.53 -0.68
C PRO A 288 5.07 10.72 0.15
N ARG A 289 4.90 10.48 1.44
CA ARG A 289 4.46 11.51 2.37
C ARG A 289 5.66 12.06 3.13
N GLY A 290 6.83 11.91 2.53
CA GLY A 290 8.04 12.40 3.14
C GLY A 290 8.03 13.89 3.46
N GLY A 291 7.55 14.69 2.52
CA GLY A 291 7.48 16.12 2.72
C GLY A 291 8.83 16.70 3.14
N GLU A 292 8.82 17.51 4.20
CA GLU A 292 10.03 18.15 4.72
C GLU A 292 11.11 17.12 4.96
N ILE A 293 10.68 15.92 5.32
CA ILE A 293 11.61 14.82 5.60
C ILE A 293 12.47 14.50 4.38
N ASN A 294 11.84 14.37 3.23
CA ASN A 294 12.57 14.05 2.00
C ASN A 294 13.48 15.20 1.60
N ASP A 295 12.97 16.42 1.74
CA ASP A 295 13.74 17.61 1.38
C ASP A 295 15.05 17.66 2.13
N TYR A 296 14.99 17.34 3.41
CA TYR A 296 16.17 17.33 4.26
C TYR A 296 17.34 16.56 3.65
N ILE A 297 17.08 15.32 3.22
CA ILE A 297 18.14 14.51 2.64
C ILE A 297 18.72 15.20 1.41
N LEU A 298 17.87 15.66 0.51
CA LEU A 298 18.34 16.34 -0.70
C LEU A 298 19.07 17.67 -0.39
N ASN A 299 18.70 18.33 0.70
CA ASN A 299 19.35 19.59 1.05
C ASN A 299 20.67 19.42 1.83
N ASN A 300 20.97 18.19 2.26
CA ASN A 300 22.20 17.99 3.02
C ASN A 300 23.05 16.82 2.56
N ALA A 301 22.63 16.15 1.50
CA ALA A 301 23.39 15.04 0.96
C ALA A 301 24.24 15.58 -0.20
N LYS A 302 25.22 14.81 -0.66
CA LYS A 302 26.05 15.29 -1.77
C LYS A 302 25.61 14.77 -3.14
N ASN A 303 26.38 13.85 -3.70
CA ASN A 303 26.10 13.29 -5.02
C ASN A 303 25.05 12.20 -5.02
N ILE A 304 23.80 12.61 -5.00
CA ILE A 304 22.68 11.67 -4.98
C ILE A 304 21.62 12.05 -5.99
N THR A 305 21.13 11.07 -6.73
CA THR A 305 20.09 11.31 -7.72
C THR A 305 18.75 10.98 -7.10
N ASN A 306 17.88 11.98 -7.03
CA ASN A 306 16.56 11.82 -6.45
C ASN A 306 15.57 11.11 -7.38
N ILE A 307 14.79 10.19 -6.81
CA ILE A 307 13.75 9.46 -7.53
C ILE A 307 12.46 10.01 -6.94
N PRO A 308 11.76 10.87 -7.68
CA PRO A 308 10.50 11.48 -7.23
C PRO A 308 9.70 10.60 -6.26
N ALA A 309 9.57 11.07 -5.02
CA ALA A 309 8.86 10.34 -3.97
C ALA A 309 7.48 9.82 -4.33
N ASN A 310 6.79 10.51 -5.23
CA ASN A 310 5.45 10.09 -5.60
C ASN A 310 5.42 8.79 -6.42
N ILE A 311 6.59 8.34 -6.84
CA ILE A 311 6.72 7.11 -7.61
C ILE A 311 6.87 5.98 -6.60
N SER A 312 6.03 4.96 -6.69
CA SER A 312 6.15 3.85 -5.76
C SER A 312 7.30 2.97 -6.18
N PHE A 313 8.12 2.58 -5.21
CA PHE A 313 9.28 1.74 -5.46
C PHE A 313 9.02 0.51 -6.32
N GLU A 314 7.90 -0.17 -6.08
CA GLU A 314 7.59 -1.37 -6.85
C GLU A 314 7.56 -1.14 -8.36
N VAL A 315 7.53 0.12 -8.79
CA VAL A 315 7.50 0.39 -10.21
C VAL A 315 8.86 0.08 -10.89
N LEU A 316 9.95 0.22 -10.14
CA LEU A 316 11.27 -0.08 -10.71
C LEU A 316 11.39 -1.57 -11.00
N THR A 319 9.24 -2.28 -14.38
CA THR A 319 9.94 -1.83 -15.56
C THR A 319 11.36 -2.33 -15.65
N GLY A 320 11.71 -3.27 -14.78
CA GLY A 320 13.04 -3.85 -14.74
C GLY A 320 14.18 -2.88 -14.50
N LEU A 321 13.91 -1.80 -13.78
CA LEU A 321 14.94 -0.81 -13.50
C LEU A 321 15.46 -0.91 -12.08
N LEU A 322 15.29 -2.07 -11.47
CA LEU A 322 15.76 -2.31 -10.11
C LEU A 322 17.28 -2.14 -10.08
N PRO A 323 17.81 -1.59 -8.98
CA PRO A 323 19.25 -1.36 -8.79
C PRO A 323 19.91 -2.62 -8.25
N ASP A 324 21.22 -2.55 -8.03
CA ASP A 324 21.96 -3.70 -7.49
C ASP A 324 21.69 -3.82 -5.99
N LYS A 325 21.52 -2.68 -5.32
CA LYS A 325 21.32 -2.67 -3.88
C LYS A 325 20.34 -1.62 -3.34
N VAL A 326 19.59 -2.01 -2.32
CA VAL A 326 18.61 -1.14 -1.67
C VAL A 326 18.84 -1.14 -0.15
N GLY A 327 18.78 0.03 0.48
CA GLY A 327 18.99 0.07 1.91
C GLY A 327 18.31 1.27 2.55
N GLY A 328 17.88 1.09 3.80
CA GLY A 328 17.22 2.16 4.50
C GLY A 328 16.29 1.69 5.61
N VAL A 329 15.31 2.54 5.94
CA VAL A 329 14.34 2.24 6.98
C VAL A 329 13.33 1.21 6.50
N ALA A 330 12.90 0.32 7.40
CA ALA A 330 11.92 -0.69 7.04
C ALA A 330 10.64 -0.04 6.55
N SER A 331 10.08 -0.61 5.49
CA SER A 331 8.84 -0.14 4.92
C SER A 331 8.30 -1.25 4.03
N SER A 332 7.10 -1.06 3.50
CA SER A 332 6.45 -2.04 2.67
C SER A 332 7.14 -2.51 1.36
N LEU A 333 8.00 -1.68 0.77
CA LEU A 333 8.60 -2.11 -0.47
C LEU A 333 9.57 -3.28 -0.31
N TYR A 334 10.05 -3.48 0.91
CA TYR A 334 10.97 -4.59 1.12
C TYR A 334 10.25 -5.93 1.17
N PHE A 335 8.93 -5.91 1.36
CA PHE A 335 8.16 -7.15 1.40
C PHE A 335 8.17 -7.80 0.01
N SER A 336 8.24 -6.98 -1.04
CA SER A 336 8.21 -7.48 -2.41
C SER A 336 9.52 -7.29 -3.18
N LEU A 337 10.57 -6.88 -2.47
CA LEU A 337 11.86 -6.61 -3.10
C LEU A 337 12.76 -7.85 -3.22
N PRO A 338 13.18 -8.21 -4.45
CA PRO A 338 14.04 -9.38 -4.64
C PRO A 338 15.12 -9.52 -3.58
N LYS A 339 15.10 -10.65 -2.89
CA LYS A 339 16.02 -10.97 -1.80
C LYS A 339 17.46 -10.48 -1.97
N GLU A 340 18.10 -10.87 -3.06
CA GLU A 340 19.49 -10.50 -3.29
C GLU A 340 19.79 -9.00 -3.37
N LYS A 341 18.77 -8.17 -3.44
CA LYS A 341 18.97 -6.72 -3.55
C LYS A 341 19.02 -6.03 -2.20
N ILE A 342 18.79 -6.78 -1.13
CA ILE A 342 18.80 -6.22 0.21
C ILE A 342 20.21 -5.90 0.70
N SER A 343 20.45 -4.63 1.01
CA SER A 343 21.73 -4.18 1.54
C SER A 343 21.60 -4.27 3.07
N HIS A 344 20.58 -3.61 3.63
CA HIS A 344 20.34 -3.65 5.07
C HIS A 344 19.08 -2.90 5.48
N ILE A 345 18.31 -3.48 6.41
CA ILE A 345 17.06 -2.90 6.87
C ILE A 345 17.20 -2.33 8.27
N ILE A 346 17.04 -1.03 8.40
CA ILE A 346 17.16 -0.39 9.69
C ILE A 346 15.77 -0.04 10.24
N PHE A 347 15.60 -0.24 11.54
CA PHE A 347 14.33 0.05 12.19
C PHE A 347 14.40 1.33 13.00
N THR A 348 13.26 1.96 13.20
CA THR A 348 13.23 3.20 13.98
C THR A 348 12.93 2.86 15.42
N ASN A 361 9.96 -9.21 20.59
CA ASN A 361 10.29 -7.86 21.05
C ASN A 361 9.45 -6.85 20.27
N ASN A 362 9.92 -6.46 19.08
CA ASN A 362 9.22 -5.49 18.24
C ASN A 362 8.43 -6.22 17.14
N PRO A 363 7.11 -6.01 17.09
CA PRO A 363 6.25 -6.66 16.09
C PRO A 363 6.69 -6.54 14.62
N TYR A 364 7.08 -5.34 14.22
CA TYR A 364 7.49 -5.13 12.85
C TYR A 364 8.71 -6.00 12.58
N VAL A 365 9.53 -6.18 13.61
CA VAL A 365 10.74 -6.98 13.49
C VAL A 365 10.38 -8.45 13.34
N LYS A 366 9.44 -8.88 14.17
CA LYS A 366 8.97 -10.25 14.20
C LYS A 366 8.41 -10.65 12.84
N VAL A 367 7.70 -9.72 12.20
CA VAL A 367 7.12 -10.01 10.90
C VAL A 367 8.22 -10.17 9.87
N ARG A 369 11.16 -11.13 10.42
CA ARG A 369 11.81 -12.39 10.72
C ARG A 369 11.02 -13.62 10.30
N ARG A 370 9.73 -13.66 10.66
CA ARG A 370 8.88 -14.80 10.30
C ARG A 370 8.94 -14.97 8.79
N LEU A 371 9.00 -13.85 8.09
CA LEU A 371 9.04 -13.85 6.63
C LEU A 371 10.43 -14.06 6.05
N GLY A 372 11.41 -14.18 6.92
CA GLY A 372 12.79 -14.39 6.49
C GLY A 372 13.39 -13.22 5.75
N ILE A 373 12.72 -12.07 5.80
CA ILE A 373 13.21 -10.89 5.11
C ILE A 373 14.52 -10.47 5.78
N ILE A 374 14.66 -10.84 7.05
CA ILE A 374 15.88 -10.54 7.80
C ILE A 374 16.25 -11.83 8.49
N ASP A 375 17.53 -11.97 8.87
CA ASP A 375 17.98 -13.18 9.52
C ASP A 375 17.84 -13.16 11.04
N GLU A 376 18.51 -14.11 11.70
CA GLU A 376 18.47 -14.24 13.15
C GLU A 376 19.31 -13.17 13.84
N SER A 377 20.27 -12.63 13.09
CA SER A 377 21.20 -11.62 13.60
C SER A 377 20.60 -10.45 14.37
N GLN A 378 21.45 -9.69 15.03
CA GLN A 378 21.01 -8.52 15.81
C GLN A 378 20.46 -7.43 14.91
N VAL A 379 19.18 -7.13 15.07
CA VAL A 379 18.54 -6.08 14.30
C VAL A 379 19.13 -4.71 14.63
N ILE A 380 19.34 -3.87 13.62
CA ILE A 380 19.90 -2.55 13.85
C ILE A 380 18.83 -1.51 14.03
N PHE A 381 19.05 -0.64 15.00
CA PHE A 381 18.10 0.42 15.29
C PHE A 381 18.61 1.84 15.04
N TRP A 382 17.70 2.64 14.53
CA TRP A 382 17.85 4.08 14.27
C TRP A 382 19.02 4.69 15.04
N ASP A 383 18.79 4.72 16.35
CA ASP A 383 19.65 5.30 17.38
C ASP A 383 20.89 4.58 17.88
N SER A 384 21.21 3.41 17.36
CA SER A 384 22.41 2.72 17.83
C SER A 384 23.57 3.13 16.95
N LEU A 385 23.27 3.99 15.97
CA LEU A 385 24.28 4.49 15.04
C LEU A 385 24.81 5.84 15.50
N LYS A 386 26.12 5.95 15.64
CA LYS A 386 26.71 7.20 16.10
C LYS A 386 26.57 8.29 15.05
N GLU A 387 26.44 9.53 15.51
CA GLU A 387 26.32 10.66 14.60
C GLU A 387 27.64 10.85 13.86
N LEU A 388 27.62 10.73 12.54
CA LEU A 388 28.82 10.89 11.73
C LEU A 388 29.13 12.35 11.44
N GLY A 389 30.35 12.76 11.74
CA GLY A 389 30.77 14.12 11.51
C GLY A 389 30.43 15.09 12.63
#